data_4BLV
#
_entry.id   4BLV
#
_cell.length_a   46.680
_cell.length_b   77.570
_cell.length_c   82.700
_cell.angle_alpha   90.00
_cell.angle_beta   103.50
_cell.angle_gamma   90.00
#
_symmetry.space_group_name_H-M   'P 1 21 1'
#
loop_
_entity.id
_entity.type
_entity.pdbx_description
1 polymer 'RIBOSOMAL RNA LARGE SUBUNIT METHYLTRANSFERASE J'
2 non-polymer S-ADENOSYLMETHIONINE
3 non-polymer GLYCEROL
4 non-polymer DI(HYDROXYETHYL)ETHER
5 non-polymer 1,2-ETHANEDIOL
6 non-polymer 'SULFATE ION'
7 water water
#
_entity_poly.entity_id   1
_entity_poly.type   'polypeptide(L)'
_entity_poly.pdbx_seq_one_letter_code
;MLSYRHSFHAGNHADVLKHTVQSLIIESLKEKDKPFLYLDTHAGAGRYQLGSEHAERTGEYLEGIARIWQQDDLPAELEA
YINVVKHFNRSGQLRYYPGSPLIARLLLREQDSLQLTELHPSDYPLLRSEFQKDSRARVEKADGFQQLKAKLPPVSRRGL
ILIDPPYEMKTDYQAVVSGIAEGYKRFATGIYALWYPVVLRQQIKRMIHDLEATGIRKILQIELAVLPDSDRRGMTASGM
IVINPPWKLEQQMNNVLPWLHSKLVPAGTGHATVSWIVPESKGHHHHHH
;
_entity_poly.pdbx_strand_id   A,B
#
# COMPACT_ATOMS: atom_id res chain seq x y z
N MET A 1 -31.47 -9.55 -10.72
CA MET A 1 -31.16 -9.40 -9.30
C MET A 1 -29.67 -9.50 -9.04
N LEU A 2 -29.03 -8.35 -8.85
CA LEU A 2 -27.59 -8.32 -8.59
C LEU A 2 -26.80 -8.87 -9.77
N SER A 3 -27.30 -8.62 -10.98
CA SER A 3 -26.64 -9.09 -12.18
C SER A 3 -25.55 -8.12 -12.64
N TYR A 4 -25.53 -6.94 -12.02
CA TYR A 4 -24.54 -5.93 -12.35
C TYR A 4 -23.15 -6.36 -11.92
N ARG A 5 -22.15 -6.13 -12.78
CA ARG A 5 -20.75 -6.43 -12.43
C ARG A 5 -19.91 -5.15 -12.66
N HIS A 6 -19.30 -4.63 -11.61
CA HIS A 6 -18.62 -3.34 -11.75
C HIS A 6 -17.30 -3.43 -12.50
N SER A 7 -16.76 -4.65 -12.62
CA SER A 7 -15.51 -4.91 -13.34
CA SER A 7 -15.45 -4.92 -13.42
C SER A 7 -15.52 -4.44 -14.81
N PHE A 8 -16.70 -4.33 -15.43
CA PHE A 8 -16.75 -3.84 -16.81
C PHE A 8 -16.40 -2.37 -16.83
N HIS A 9 -16.86 -1.67 -15.80
CA HIS A 9 -16.86 -0.23 -15.75
C HIS A 9 -15.72 0.33 -14.91
N ALA A 10 -15.01 -0.55 -14.19
CA ALA A 10 -14.05 -0.08 -13.19
C ALA A 10 -13.02 0.85 -13.82
N GLY A 11 -12.79 2.00 -13.18
CA GLY A 11 -11.78 2.92 -13.69
C GLY A 11 -12.19 3.74 -14.90
N ASN A 12 -13.46 3.68 -15.29
CA ASN A 12 -13.96 4.52 -16.37
C ASN A 12 -14.06 5.99 -15.95
N HIS A 13 -14.52 6.85 -16.85
CA HIS A 13 -14.53 8.28 -16.58
C HIS A 13 -15.35 8.59 -15.32
N ALA A 14 -16.41 7.80 -15.09
CA ALA A 14 -17.28 8.00 -13.94
C ALA A 14 -16.60 7.64 -12.63
N ASP A 15 -15.83 6.55 -12.61
CA ASP A 15 -15.03 6.20 -11.45
C ASP A 15 -13.98 7.27 -11.16
N VAL A 16 -13.33 7.79 -12.22
CA VAL A 16 -12.36 8.84 -12.05
C VAL A 16 -12.99 10.07 -11.35
N LEU A 17 -14.15 10.50 -11.82
CA LEU A 17 -14.84 11.62 -11.16
C LEU A 17 -15.21 11.30 -9.72
N LYS A 18 -15.84 10.15 -9.53
CA LYS A 18 -16.33 9.70 -8.24
C LYS A 18 -15.19 9.59 -7.23
N HIS A 19 -14.09 8.95 -7.63
CA HIS A 19 -13.00 8.75 -6.69
C HIS A 19 -12.14 10.01 -6.46
N THR A 20 -12.13 10.91 -7.44
CA THR A 20 -11.55 12.25 -7.23
C THR A 20 -12.27 12.96 -6.07
N VAL A 21 -13.59 13.05 -6.19
CA VAL A 21 -14.42 13.69 -5.16
C VAL A 21 -14.31 12.99 -3.79
N GLN A 22 -14.41 11.66 -3.77
CA GLN A 22 -14.20 10.89 -2.53
C GLN A 22 -12.88 11.26 -1.83
N SER A 23 -11.80 11.26 -2.60
CA SER A 23 -10.48 11.52 -2.03
CA SER A 23 -10.47 11.53 -2.06
C SER A 23 -10.37 12.93 -1.48
N LEU A 24 -10.89 13.91 -2.21
CA LEU A 24 -10.84 15.29 -1.77
C LEU A 24 -11.64 15.47 -0.48
N ILE A 25 -12.81 14.84 -0.42
CA ILE A 25 -13.61 14.91 0.79
C ILE A 25 -12.89 14.28 1.98
N ILE A 26 -12.31 13.11 1.76
CA ILE A 26 -11.55 12.42 2.81
C ILE A 26 -10.38 13.28 3.31
N GLU A 27 -9.62 13.88 2.39
CA GLU A 27 -8.49 14.70 2.78
C GLU A 27 -8.96 15.89 3.61
N SER A 28 -10.11 16.44 3.27
CA SER A 28 -10.68 17.53 4.07
C SER A 28 -11.02 17.08 5.50
N LEU A 29 -11.63 15.90 5.62
CA LEU A 29 -12.03 15.38 6.93
C LEU A 29 -10.79 15.16 7.82
N LYS A 30 -9.68 14.80 7.20
CA LYS A 30 -8.45 14.54 7.95
C LYS A 30 -7.78 15.82 8.46
N GLU A 31 -8.34 16.98 8.14
CA GLU A 31 -7.78 18.26 8.57
C GLU A 31 -8.08 18.52 10.06
N LYS A 32 -9.00 17.73 10.62
CA LYS A 32 -9.24 17.68 12.07
C LYS A 32 -8.74 16.35 12.62
N ASP A 33 -8.12 16.39 13.79
N ASP A 33 -8.22 16.37 13.85
CA ASP A 33 -7.53 15.20 14.40
CA ASP A 33 -7.53 15.21 14.40
C ASP A 33 -8.57 14.16 14.81
C ASP A 33 -8.53 14.18 14.93
N LYS A 34 -9.74 14.63 15.21
CA LYS A 34 -10.80 13.74 15.71
C LYS A 34 -11.16 12.69 14.65
N PRO A 35 -11.54 11.49 15.11
CA PRO A 35 -11.86 10.41 14.17
C PRO A 35 -13.13 10.66 13.34
N PHE A 36 -13.22 10.03 12.17
CA PHE A 36 -14.45 10.06 11.39
C PHE A 36 -14.77 8.69 10.83
N LEU A 37 -16.03 8.51 10.43
CA LEU A 37 -16.48 7.28 9.80
C LEU A 37 -16.51 7.42 8.27
N TYR A 38 -16.04 6.39 7.58
CA TYR A 38 -16.29 6.24 6.17
C TYR A 38 -17.35 5.16 5.97
N LEU A 39 -18.51 5.55 5.46
CA LEU A 39 -19.58 4.58 5.19
C LEU A 39 -19.85 4.42 3.70
N ASP A 40 -19.71 3.19 3.19
CA ASP A 40 -19.88 2.87 1.78
C ASP A 40 -21.05 1.93 1.64
N THR A 41 -22.20 2.43 1.15
CA THR A 41 -23.42 1.61 1.14
C THR A 41 -23.38 0.47 0.10
N HIS A 42 -22.79 0.75 -1.07
CA HIS A 42 -22.69 -0.22 -2.14
C HIS A 42 -21.21 -0.35 -2.47
N ALA A 43 -20.51 -1.18 -1.70
CA ALA A 43 -19.06 -1.09 -1.65
C ALA A 43 -18.32 -1.81 -2.80
N GLY A 44 -18.92 -2.84 -3.38
CA GLY A 44 -18.24 -3.56 -4.47
C GLY A 44 -17.23 -4.56 -3.94
N ALA A 45 -16.37 -5.09 -4.83
CA ALA A 45 -15.39 -6.10 -4.46
C ALA A 45 -14.16 -5.56 -3.73
N GLY A 46 -13.84 -4.29 -3.92
CA GLY A 46 -12.67 -3.72 -3.27
C GLY A 46 -11.63 -3.27 -4.29
N ARG A 47 -11.20 -4.19 -5.15
CA ARG A 47 -10.32 -3.83 -6.23
C ARG A 47 -10.77 -4.61 -7.47
N TYR A 48 -10.35 -4.15 -8.65
CA TYR A 48 -10.77 -4.76 -9.90
C TYR A 48 -9.60 -5.04 -10.83
N GLN A 49 -9.63 -6.20 -11.46
CA GLN A 49 -8.70 -6.60 -12.44
C GLN A 49 -9.09 -6.01 -13.80
N LEU A 50 -8.23 -5.20 -14.35
CA LEU A 50 -8.46 -4.53 -15.59
C LEU A 50 -8.23 -5.37 -16.88
N GLY A 51 -7.28 -6.33 -16.76
CA GLY A 51 -7.03 -7.39 -17.73
C GLY A 51 -8.07 -8.47 -17.80
N SER A 52 -9.02 -8.42 -16.87
CA SER A 52 -10.12 -9.34 -16.81
C SER A 52 -10.89 -9.28 -18.12
N GLU A 53 -11.72 -10.29 -18.39
CA GLU A 53 -12.46 -10.31 -19.65
C GLU A 53 -13.57 -9.30 -19.61
N HIS A 54 -13.95 -9.08 -18.41
CA HIS A 54 -15.03 -8.10 -18.34
C HIS A 54 -14.55 -6.68 -18.61
N ALA A 55 -13.39 -6.29 -18.10
CA ALA A 55 -12.86 -4.95 -18.36
C ALA A 55 -12.52 -4.68 -19.81
N GLU A 56 -11.97 -5.68 -20.45
CA GLU A 56 -11.46 -5.50 -21.77
C GLU A 56 -12.59 -5.57 -22.78
N ARG A 57 -13.73 -6.14 -22.39
CA ARG A 57 -14.87 -6.23 -23.30
C ARG A 57 -15.29 -4.80 -23.67
N THR A 58 -15.50 -3.96 -22.64
CA THR A 58 -15.80 -2.54 -22.70
C THR A 58 -14.49 -1.77 -22.87
N GLY A 59 -13.47 -2.24 -22.15
CA GLY A 59 -12.20 -1.54 -22.05
C GLY A 59 -12.39 -0.11 -21.61
N GLU A 60 -13.40 0.16 -20.78
CA GLU A 60 -13.70 1.57 -20.47
C GLU A 60 -12.61 2.25 -19.67
N TYR A 61 -11.82 1.48 -18.95
CA TYR A 61 -10.74 2.06 -18.18
C TYR A 61 -9.73 2.73 -19.11
N LEU A 62 -9.67 2.30 -20.36
CA LEU A 62 -8.74 2.88 -21.32
C LEU A 62 -9.04 4.34 -21.60
N GLU A 63 -10.31 4.69 -21.47
CA GLU A 63 -10.76 6.06 -21.68
C GLU A 63 -11.00 6.80 -20.36
N GLY A 64 -10.61 6.19 -19.25
CA GLY A 64 -10.76 6.82 -17.95
C GLY A 64 -9.44 7.00 -17.24
N ILE A 65 -9.22 6.19 -16.21
CA ILE A 65 -7.99 6.27 -15.40
C ILE A 65 -6.70 6.26 -16.23
N ALA A 66 -6.69 5.50 -17.32
CA ALA A 66 -5.49 5.38 -18.16
C ALA A 66 -5.05 6.72 -18.72
N ARG A 67 -6.01 7.59 -19.04
CA ARG A 67 -5.71 8.90 -19.60
C ARG A 67 -5.17 9.92 -18.59
N ILE A 68 -5.23 9.62 -17.30
CA ILE A 68 -4.70 10.59 -16.33
C ILE A 68 -3.56 10.12 -15.41
N TRP A 69 -3.49 8.82 -15.12
CA TRP A 69 -2.64 8.36 -14.00
C TRP A 69 -1.13 8.57 -14.17
N GLN A 70 -0.67 8.77 -15.39
CA GLN A 70 0.76 9.02 -15.62
C GLN A 70 1.07 10.39 -16.22
N GLN A 71 0.10 11.31 -16.16
CA GLN A 71 0.33 12.65 -16.65
C GLN A 71 1.31 13.40 -15.76
N ASP A 72 2.30 14.05 -16.36
CA ASP A 72 3.31 14.73 -15.56
C ASP A 72 2.81 16.06 -15.00
N ASP A 73 1.76 16.61 -15.59
CA ASP A 73 1.22 17.88 -15.08
C ASP A 73 -0.07 17.62 -14.29
N LEU A 74 -0.09 16.51 -13.58
CA LEU A 74 -1.23 16.15 -12.74
C LEU A 74 -1.52 17.25 -11.72
N PRO A 75 -2.76 17.79 -11.73
CA PRO A 75 -3.15 18.80 -10.74
C PRO A 75 -2.94 18.28 -9.33
N ALA A 76 -2.51 19.14 -8.43
CA ALA A 76 -2.22 18.78 -7.05
C ALA A 76 -3.45 18.17 -6.36
N GLU A 77 -4.64 18.57 -6.78
CA GLU A 77 -5.87 18.01 -6.22
C GLU A 77 -6.05 16.52 -6.49
N LEU A 78 -5.28 15.95 -7.43
CA LEU A 78 -5.47 14.55 -7.81
C LEU A 78 -4.42 13.62 -7.26
N GLU A 79 -3.40 14.18 -6.61
CA GLU A 79 -2.27 13.39 -6.11
C GLU A 79 -2.64 12.27 -5.14
N ALA A 80 -3.42 12.58 -4.10
CA ALA A 80 -3.85 11.55 -3.15
C ALA A 80 -4.53 10.35 -3.81
N TYR A 81 -5.50 10.64 -4.68
CA TYR A 81 -6.18 9.60 -5.43
C TYR A 81 -5.21 8.80 -6.32
N ILE A 82 -4.47 9.50 -7.16
CA ILE A 82 -3.56 8.85 -8.10
C ILE A 82 -2.47 8.05 -7.38
N ASN A 83 -1.99 8.54 -6.25
CA ASN A 83 -1.02 7.76 -5.46
C ASN A 83 -1.61 6.44 -4.91
N VAL A 84 -2.92 6.41 -4.66
CA VAL A 84 -3.53 5.12 -4.35
C VAL A 84 -3.50 4.19 -5.59
N VAL A 85 -3.86 4.73 -6.75
CA VAL A 85 -3.83 3.92 -7.97
C VAL A 85 -2.43 3.37 -8.26
N LYS A 86 -1.42 4.21 -8.06
CA LYS A 86 -0.02 3.83 -8.31
C LYS A 86 0.39 2.70 -7.36
N HIS A 87 -0.04 2.82 -6.10
CA HIS A 87 0.24 1.79 -5.11
C HIS A 87 -0.19 0.41 -5.57
N PHE A 88 -1.32 0.33 -6.27
CA PHE A 88 -1.84 -0.95 -6.73
C PHE A 88 -1.32 -1.37 -8.12
N ASN A 89 -0.45 -0.55 -8.69
CA ASN A 89 0.14 -0.82 -10.00
C ASN A 89 1.61 -0.44 -9.99
N ARG A 90 2.35 -0.98 -9.03
CA ARG A 90 3.72 -0.53 -8.81
C ARG A 90 4.65 -0.89 -9.96
N SER A 91 4.21 -1.79 -10.84
CA SER A 91 5.02 -2.12 -12.00
C SER A 91 4.97 -1.02 -13.07
N GLY A 92 4.07 -0.06 -12.90
CA GLY A 92 3.91 1.00 -13.89
C GLY A 92 3.01 0.61 -15.05
N GLN A 93 2.52 -0.62 -15.06
CA GLN A 93 1.48 -1.00 -16.00
C GLN A 93 0.14 -1.04 -15.27
N LEU A 94 -0.89 -0.57 -15.96
CA LEU A 94 -2.24 -0.50 -15.42
C LEU A 94 -2.95 -1.84 -15.51
N ARG A 95 -3.03 -2.54 -14.37
CA ARG A 95 -3.56 -3.90 -14.28
C ARG A 95 -4.69 -4.03 -13.27
N TYR A 96 -4.64 -3.20 -12.24
CA TYR A 96 -5.64 -3.22 -11.18
C TYR A 96 -6.18 -1.81 -10.92
N TYR A 97 -7.46 -1.72 -10.57
CA TYR A 97 -8.07 -0.46 -10.17
C TYR A 97 -8.71 -0.59 -8.78
N PRO A 98 -8.33 0.30 -7.85
CA PRO A 98 -8.88 0.24 -6.50
C PRO A 98 -10.27 0.84 -6.43
N GLY A 99 -11.22 0.10 -5.86
CA GLY A 99 -12.55 0.65 -5.64
C GLY A 99 -12.59 1.62 -4.47
N SER A 100 -13.75 2.22 -4.24
CA SER A 100 -13.92 3.17 -3.15
CA SER A 100 -13.92 3.18 -3.15
C SER A 100 -13.45 2.64 -1.78
N PRO A 101 -13.69 1.33 -1.51
CA PRO A 101 -13.24 0.89 -0.17
C PRO A 101 -11.73 0.88 0.03
N LEU A 102 -10.97 0.66 -1.05
CA LEU A 102 -9.52 0.63 -0.94
CA LEU A 102 -9.51 0.63 -0.95
C LEU A 102 -8.91 2.03 -1.01
N ILE A 103 -9.54 2.93 -1.75
CA ILE A 103 -9.14 4.33 -1.69
C ILE A 103 -9.32 4.82 -0.23
N ALA A 104 -10.46 4.50 0.38
CA ALA A 104 -10.67 4.85 1.79
C ALA A 104 -9.67 4.16 2.71
N ARG A 105 -9.40 2.87 2.48
CA ARG A 105 -8.52 2.12 3.36
C ARG A 105 -7.12 2.74 3.45
N LEU A 106 -6.62 3.26 2.32
CA LEU A 106 -5.28 3.85 2.27
C LEU A 106 -5.22 5.35 2.64
N LEU A 107 -6.36 6.03 2.60
CA LEU A 107 -6.39 7.46 2.91
C LEU A 107 -6.79 7.74 4.36
N LEU A 108 -7.58 6.84 4.95
CA LEU A 108 -8.00 7.00 6.35
C LEU A 108 -6.81 6.79 7.30
N ARG A 109 -6.95 7.26 8.53
CA ARG A 109 -5.87 7.17 9.52
C ARG A 109 -6.18 6.05 10.51
N GLU A 110 -5.25 5.79 11.43
CA GLU A 110 -5.43 4.73 12.42
C GLU A 110 -6.74 4.84 13.21
N GLN A 111 -7.13 6.09 13.53
CA GLN A 111 -8.24 6.35 14.43
C GLN A 111 -9.61 6.33 13.72
N ASP A 112 -9.60 6.24 12.40
CA ASP A 112 -10.84 6.35 11.63
C ASP A 112 -11.50 5.00 11.42
N SER A 113 -12.74 5.00 10.97
CA SER A 113 -13.49 3.76 10.83
C SER A 113 -14.11 3.60 9.46
N LEU A 114 -14.28 2.34 9.05
CA LEU A 114 -14.98 2.01 7.83
C LEU A 114 -16.15 1.06 8.07
N GLN A 115 -17.29 1.38 7.48
CA GLN A 115 -18.43 0.47 7.52
CA GLN A 115 -18.46 0.52 7.54
C GLN A 115 -18.91 0.25 6.10
N LEU A 116 -18.73 -0.98 5.65
CA LEU A 116 -18.93 -1.33 4.24
C LEU A 116 -19.98 -2.43 4.08
N THR A 117 -20.85 -2.28 3.08
CA THR A 117 -21.79 -3.33 2.75
C THR A 117 -21.78 -3.65 1.25
N GLU A 118 -21.94 -4.94 0.96
CA GLU A 118 -22.00 -5.48 -0.41
C GLU A 118 -22.81 -6.78 -0.37
N LEU A 119 -23.82 -6.88 -1.25
CA LEU A 119 -24.75 -8.01 -1.25
C LEU A 119 -24.34 -9.17 -2.19
N HIS A 120 -23.55 -8.87 -3.21
CA HIS A 120 -23.24 -9.85 -4.27
C HIS A 120 -22.32 -10.95 -3.76
N PRO A 121 -22.70 -12.23 -3.99
CA PRO A 121 -22.00 -13.42 -3.49
C PRO A 121 -20.61 -13.69 -4.06
N SER A 122 -20.23 -13.06 -5.17
CA SER A 122 -18.82 -13.07 -5.59
C SER A 122 -18.05 -11.94 -4.93
N ASP A 123 -18.64 -10.75 -4.90
CA ASP A 123 -17.93 -9.54 -4.50
C ASP A 123 -17.79 -9.39 -2.99
N TYR A 124 -18.76 -9.87 -2.24
CA TYR A 124 -18.69 -9.79 -0.77
C TYR A 124 -17.48 -10.53 -0.17
N PRO A 125 -17.28 -11.82 -0.52
CA PRO A 125 -16.10 -12.51 0.02
C PRO A 125 -14.81 -11.81 -0.39
N LEU A 126 -14.76 -11.29 -1.61
CA LEU A 126 -13.56 -10.57 -2.05
C LEU A 126 -13.30 -9.34 -1.18
N LEU A 127 -14.37 -8.58 -0.91
CA LEU A 127 -14.26 -7.37 -0.12
C LEU A 127 -13.78 -7.68 1.30
N ARG A 128 -14.38 -8.72 1.87
CA ARG A 128 -14.03 -9.21 3.20
C ARG A 128 -12.54 -9.55 3.32
N SER A 129 -11.99 -10.24 2.33
CA SER A 129 -10.58 -10.60 2.38
C SER A 129 -9.67 -9.38 2.23
N GLU A 130 -10.15 -8.30 1.62
CA GLU A 130 -9.36 -7.06 1.51
C GLU A 130 -9.17 -6.42 2.89
N PHE A 131 -10.02 -6.76 3.84
CA PHE A 131 -9.99 -6.07 5.13
C PHE A 131 -9.64 -6.95 6.34
N GLN A 132 -9.22 -8.19 6.09
CA GLN A 132 -8.72 -9.07 7.15
C GLN A 132 -7.60 -8.42 7.97
N LYS A 133 -7.77 -8.42 9.25
CA LYS A 133 -6.86 -7.82 10.19
C LYS A 133 -6.80 -6.30 10.14
N ASP A 134 -7.74 -5.67 9.44
CA ASP A 134 -7.86 -4.22 9.47
C ASP A 134 -9.08 -4.03 10.32
N SER A 135 -8.81 -3.86 11.61
CA SER A 135 -9.84 -3.80 12.60
C SER A 135 -10.59 -2.48 12.56
N ARG A 136 -10.14 -1.54 11.73
CA ARG A 136 -10.86 -0.27 11.54
C ARG A 136 -12.12 -0.51 10.74
N ALA A 137 -12.17 -1.62 9.99
CA ALA A 137 -13.25 -1.86 9.05
C ALA A 137 -14.26 -2.89 9.51
N ARG A 138 -15.53 -2.59 9.25
CA ARG A 138 -16.60 -3.54 9.45
C ARG A 138 -17.23 -3.79 8.08
N VAL A 139 -17.24 -5.05 7.64
CA VAL A 139 -17.74 -5.41 6.31
C VAL A 139 -18.90 -6.38 6.44
N GLU A 140 -20.05 -6.02 5.87
CA GLU A 140 -21.24 -6.84 6.03
C GLU A 140 -21.91 -7.15 4.71
N LYS A 141 -22.52 -8.32 4.66
CA LYS A 141 -23.32 -8.70 3.51
CA LYS A 141 -23.32 -8.70 3.51
C LYS A 141 -24.76 -8.32 3.82
N ALA A 142 -25.08 -7.04 3.59
CA ALA A 142 -26.40 -6.51 3.91
C ALA A 142 -26.78 -5.39 2.95
N ASP A 143 -28.05 -5.03 2.97
CA ASP A 143 -28.55 -3.97 2.12
C ASP A 143 -27.95 -2.64 2.53
N GLY A 144 -27.35 -1.94 1.57
CA GLY A 144 -26.67 -0.70 1.82
C GLY A 144 -27.59 0.42 2.26
N PHE A 145 -28.77 0.52 1.67
CA PHE A 145 -29.69 1.59 2.01
C PHE A 145 -30.15 1.47 3.48
N GLN A 146 -30.25 0.24 3.98
CA GLN A 146 -30.61 -0.01 5.38
C GLN A 146 -29.55 0.51 6.38
N GLN A 147 -28.29 0.60 5.93
CA GLN A 147 -27.22 1.13 6.78
C GLN A 147 -27.39 2.61 7.11
N LEU A 148 -28.08 3.35 6.25
CA LEU A 148 -28.28 4.77 6.47
C LEU A 148 -29.18 4.98 7.67
N LYS A 149 -29.95 3.95 8.00
CA LYS A 149 -30.75 3.93 9.22
C LYS A 149 -29.97 3.34 10.39
N ALA A 150 -29.32 2.20 10.15
CA ALA A 150 -28.72 1.40 11.22
C ALA A 150 -27.39 1.94 11.77
N LYS A 151 -26.60 2.61 10.93
CA LYS A 151 -25.24 3.00 11.31
C LYS A 151 -25.00 4.50 11.53
N LEU A 152 -26.05 5.32 11.41
CA LEU A 152 -25.96 6.76 11.61
C LEU A 152 -26.80 7.21 12.81
N PRO A 153 -26.29 8.14 13.64
CA PRO A 153 -25.01 8.79 13.47
C PRO A 153 -23.86 7.91 13.99
N PRO A 154 -22.65 8.13 13.47
CA PRO A 154 -21.47 7.38 13.93
C PRO A 154 -21.11 7.83 15.33
N VAL A 155 -20.41 7.00 16.09
CA VAL A 155 -20.01 7.41 17.43
C VAL A 155 -19.08 8.61 17.35
N SER A 156 -18.28 8.67 16.29
CA SER A 156 -17.33 9.77 16.11
C SER A 156 -18.02 11.09 15.82
N ARG A 157 -19.28 11.04 15.38
CA ARG A 157 -20.03 12.23 15.03
C ARG A 157 -19.46 12.99 13.83
N ARG A 158 -18.64 12.32 13.01
CA ARG A 158 -18.08 12.93 11.81
C ARG A 158 -18.05 11.88 10.72
N GLY A 159 -18.20 12.27 9.47
CA GLY A 159 -18.06 11.27 8.42
C GLY A 159 -18.45 11.56 6.99
N LEU A 160 -17.98 10.68 6.11
CA LEU A 160 -18.36 10.65 4.71
C LEU A 160 -19.20 9.41 4.46
N ILE A 161 -20.37 9.63 3.88
CA ILE A 161 -21.27 8.55 3.45
C ILE A 161 -21.28 8.52 1.93
N LEU A 162 -20.70 7.49 1.36
CA LEU A 162 -20.72 7.29 -0.08
C LEU A 162 -21.84 6.35 -0.49
N ILE A 163 -22.76 6.87 -1.29
CA ILE A 163 -23.89 6.11 -1.78
C ILE A 163 -23.71 5.97 -3.28
N ASP A 164 -23.39 4.75 -3.71
CA ASP A 164 -22.93 4.51 -5.07
C ASP A 164 -23.61 3.28 -5.69
N PRO A 165 -24.94 3.35 -5.92
CA PRO A 165 -25.60 2.12 -6.37
C PRO A 165 -25.38 1.94 -7.89
N PRO A 166 -25.68 0.76 -8.45
CA PRO A 166 -25.53 0.55 -9.91
C PRO A 166 -26.71 1.02 -10.77
N TYR A 167 -27.84 1.30 -10.13
CA TYR A 167 -29.06 1.73 -10.82
C TYR A 167 -29.50 0.65 -11.82
N GLU A 168 -29.32 -0.61 -11.42
CA GLU A 168 -29.75 -1.75 -12.21
C GLU A 168 -31.27 -1.84 -12.05
N MET A 169 -31.76 -1.55 -10.85
CA MET A 169 -33.20 -1.50 -10.67
C MET A 169 -33.55 -0.03 -10.68
N LYS A 170 -34.60 0.32 -11.43
CA LYS A 170 -35.02 1.71 -11.57
C LYS A 170 -35.36 2.32 -10.22
N THR A 171 -35.79 1.48 -9.27
CA THR A 171 -36.14 1.93 -7.94
C THR A 171 -34.99 2.63 -7.20
N ASP A 172 -33.76 2.41 -7.63
CA ASP A 172 -32.62 3.08 -7.03
C ASP A 172 -32.80 4.58 -7.09
N TYR A 173 -33.40 5.07 -8.17
CA TYR A 173 -33.57 6.50 -8.33
C TYR A 173 -34.44 7.11 -7.21
N GLN A 174 -35.37 6.33 -6.66
CA GLN A 174 -36.13 6.83 -5.51
C GLN A 174 -35.43 6.48 -4.20
N ALA A 175 -34.89 5.26 -4.14
CA ALA A 175 -34.20 4.78 -2.95
C ALA A 175 -33.02 5.65 -2.51
N VAL A 176 -32.27 6.21 -3.45
CA VAL A 176 -31.18 7.10 -3.06
C VAL A 176 -31.75 8.33 -2.34
N VAL A 177 -32.87 8.85 -2.82
CA VAL A 177 -33.41 10.06 -2.19
C VAL A 177 -34.00 9.78 -0.78
N SER A 178 -34.78 8.71 -0.65
CA SER A 178 -35.36 8.38 0.65
C SER A 178 -34.27 7.95 1.63
N GLY A 179 -33.23 7.30 1.11
CA GLY A 179 -32.11 6.88 1.93
C GLY A 179 -31.37 8.05 2.54
N ILE A 180 -31.05 9.03 1.70
CA ILE A 180 -30.39 10.26 2.13
C ILE A 180 -31.24 11.01 3.17
N ALA A 181 -32.54 11.11 2.94
CA ALA A 181 -33.42 11.79 3.88
C ALA A 181 -33.40 11.06 5.24
N GLU A 182 -33.38 9.72 5.22
CA GLU A 182 -33.29 8.96 6.46
C GLU A 182 -31.95 9.17 7.16
N GLY A 183 -30.87 9.16 6.37
CA GLY A 183 -29.54 9.38 6.92
C GLY A 183 -29.45 10.76 7.55
N TYR A 184 -29.83 11.78 6.79
CA TYR A 184 -29.77 13.18 7.21
C TYR A 184 -30.54 13.46 8.51
N LYS A 185 -31.70 12.83 8.63
CA LYS A 185 -32.52 12.92 9.82
C LYS A 185 -31.71 12.48 11.02
N ARG A 186 -30.90 11.43 10.83
CA ARG A 186 -30.12 10.87 11.93
C ARG A 186 -28.79 11.59 12.13
N PHE A 187 -28.26 12.16 11.06
CA PHE A 187 -26.91 12.71 11.08
C PHE A 187 -26.84 13.85 10.09
N ALA A 188 -27.35 15.01 10.50
CA ALA A 188 -27.54 16.15 9.60
C ALA A 188 -26.25 16.87 9.27
N THR A 189 -25.18 16.56 10.02
CA THR A 189 -23.91 17.20 9.72
C THR A 189 -23.00 16.26 8.94
N GLY A 190 -23.52 15.11 8.54
CA GLY A 190 -22.75 14.20 7.72
C GLY A 190 -22.48 14.73 6.33
N ILE A 191 -21.39 14.29 5.70
CA ILE A 191 -21.15 14.61 4.28
C ILE A 191 -21.65 13.45 3.44
N TYR A 192 -22.65 13.71 2.60
CA TYR A 192 -23.24 12.64 1.78
C TYR A 192 -22.82 12.84 0.33
N ALA A 193 -22.19 11.82 -0.25
CA ALA A 193 -21.80 11.86 -1.65
C ALA A 193 -22.58 10.81 -2.42
N LEU A 194 -23.49 11.28 -3.26
CA LEU A 194 -24.29 10.37 -4.10
C LEU A 194 -23.78 10.40 -5.53
N TRP A 195 -23.40 9.22 -6.06
CA TRP A 195 -23.04 9.08 -7.47
C TRP A 195 -24.28 8.77 -8.29
N TYR A 196 -24.37 9.32 -9.50
CA TYR A 196 -25.47 9.00 -10.41
C TYR A 196 -24.98 8.93 -11.85
N PRO A 197 -25.61 8.07 -12.65
CA PRO A 197 -25.36 7.99 -14.10
C PRO A 197 -26.35 8.87 -14.86
N VAL A 198 -25.95 9.35 -16.03
CA VAL A 198 -26.91 10.00 -16.92
C VAL A 198 -27.15 9.06 -18.10
N VAL A 199 -28.22 8.28 -18.05
CA VAL A 199 -28.65 7.49 -19.19
C VAL A 199 -29.83 8.20 -19.84
N LEU A 200 -30.84 8.46 -19.04
CA LEU A 200 -31.94 9.33 -19.43
C LEU A 200 -31.96 10.57 -18.55
N ARG A 201 -31.72 11.74 -19.15
CA ARG A 201 -31.67 12.99 -18.40
C ARG A 201 -32.94 13.14 -17.57
N GLN A 202 -34.04 12.58 -18.08
CA GLN A 202 -35.36 12.64 -17.44
C GLN A 202 -35.33 12.19 -16.00
N GLN A 203 -34.68 11.05 -15.81
CA GLN A 203 -34.69 10.43 -14.50
CA GLN A 203 -34.65 10.39 -14.50
C GLN A 203 -33.83 11.20 -13.51
N ILE A 204 -32.81 11.89 -14.02
CA ILE A 204 -31.95 12.67 -13.16
C ILE A 204 -32.68 13.93 -12.72
N LYS A 205 -33.42 14.55 -13.64
CA LYS A 205 -34.20 15.74 -13.29
C LYS A 205 -35.19 15.43 -12.18
N ARG A 206 -35.89 14.31 -12.34
CA ARG A 206 -36.86 13.87 -11.34
C ARG A 206 -36.18 13.56 -10.00
N MET A 207 -35.05 12.86 -10.04
CA MET A 207 -34.33 12.53 -8.81
C MET A 207 -33.94 13.80 -8.05
N ILE A 208 -33.46 14.78 -8.81
CA ILE A 208 -33.03 16.03 -8.23
C ILE A 208 -34.24 16.79 -7.67
N HIS A 209 -35.38 16.66 -8.33
CA HIS A 209 -36.65 17.21 -7.83
C HIS A 209 -36.95 16.67 -6.46
N ASP A 210 -36.95 15.34 -6.36
CA ASP A 210 -37.26 14.68 -5.11
C ASP A 210 -36.27 15.05 -4.02
N LEU A 211 -35.02 15.29 -4.41
CA LEU A 211 -33.99 15.68 -3.44
C LEU A 211 -34.28 17.08 -2.88
N GLU A 212 -34.64 17.99 -3.78
CA GLU A 212 -34.98 19.37 -3.43
C GLU A 212 -36.13 19.36 -2.45
N ALA A 213 -37.11 18.48 -2.70
CA ALA A 213 -38.33 18.37 -1.90
C ALA A 213 -38.11 17.88 -0.47
N THR A 214 -36.96 17.30 -0.19
CA THR A 214 -36.68 16.85 1.18
C THR A 214 -36.44 18.07 2.07
N GLY A 215 -36.18 19.22 1.45
CA GLY A 215 -35.92 20.44 2.21
C GLY A 215 -34.49 20.54 2.71
N ILE A 216 -33.70 19.52 2.41
CA ILE A 216 -32.28 19.54 2.76
C ILE A 216 -31.57 20.68 2.02
N ARG A 217 -30.75 21.43 2.74
CA ARG A 217 -29.95 22.50 2.17
C ARG A 217 -28.45 22.20 1.91
N LYS A 218 -27.78 23.08 1.19
CA LYS A 218 -26.34 22.95 1.02
C LYS A 218 -25.99 21.68 0.22
N ILE A 219 -26.49 21.64 -1.02
CA ILE A 219 -26.32 20.49 -1.91
C ILE A 219 -25.59 20.92 -3.19
N LEU A 220 -24.40 20.36 -3.39
CA LEU A 220 -23.54 20.70 -4.52
C LEU A 220 -23.68 19.62 -5.58
N GLN A 221 -23.64 20.01 -6.86
CA GLN A 221 -23.70 19.06 -7.97
C GLN A 221 -22.48 19.18 -8.86
N ILE A 222 -21.76 18.07 -9.04
CA ILE A 222 -20.59 18.05 -9.91
C ILE A 222 -20.85 17.03 -11.02
N GLU A 223 -20.78 17.45 -12.28
CA GLU A 223 -21.11 16.55 -13.37
C GLU A 223 -20.07 16.63 -14.49
N LEU A 224 -19.69 15.47 -15.02
CA LEU A 224 -18.79 15.40 -16.16
C LEU A 224 -19.47 14.55 -17.24
N ALA A 225 -19.71 15.18 -18.39
CA ALA A 225 -20.34 14.53 -19.52
C ALA A 225 -19.28 14.36 -20.59
N VAL A 226 -19.15 13.15 -21.13
CA VAL A 226 -18.19 12.92 -22.22
C VAL A 226 -18.89 13.04 -23.56
N LEU A 227 -20.22 13.06 -23.53
CA LEU A 227 -21.02 13.22 -24.73
C LEU A 227 -22.23 14.06 -24.41
N PRO A 228 -22.88 14.73 -25.36
CA PRO A 228 -24.11 15.44 -24.98
C PRO A 228 -25.23 14.42 -24.64
N ASP A 229 -26.23 14.84 -23.90
CA ASP A 229 -27.38 14.02 -23.55
C ASP A 229 -28.00 13.32 -24.77
N SER A 230 -28.37 12.07 -24.60
CA SER A 230 -29.14 11.39 -25.60
C SER A 230 -29.99 10.29 -25.00
N ASP A 231 -30.86 9.72 -25.83
CA ASP A 231 -31.78 8.68 -25.38
C ASP A 231 -31.52 7.36 -26.09
N ARG A 232 -30.32 7.25 -26.64
CA ARG A 232 -29.90 6.05 -27.37
C ARG A 232 -28.38 5.85 -27.38
N ARG A 233 -27.69 6.40 -26.39
CA ARG A 233 -26.23 6.31 -26.31
C ARG A 233 -25.66 5.77 -25.01
N GLY A 234 -26.44 4.97 -24.29
CA GLY A 234 -25.98 4.46 -23.01
C GLY A 234 -25.71 5.59 -22.04
N MET A 235 -24.66 5.47 -21.25
CA MET A 235 -24.33 6.47 -20.25
C MET A 235 -23.45 7.56 -20.86
N THR A 236 -23.96 8.78 -20.95
CA THR A 236 -23.22 9.85 -21.61
C THR A 236 -22.51 10.76 -20.62
N ALA A 237 -22.81 10.59 -19.34
CA ALA A 237 -22.28 11.47 -18.29
C ALA A 237 -22.46 10.82 -16.93
N SER A 238 -21.75 11.31 -15.93
CA SER A 238 -22.08 10.96 -14.56
C SER A 238 -21.78 12.11 -13.62
N GLY A 239 -22.29 12.03 -12.40
CA GLY A 239 -22.05 13.10 -11.45
C GLY A 239 -21.97 12.67 -10.01
N MET A 240 -21.61 13.64 -9.18
CA MET A 240 -21.58 13.48 -7.74
C MET A 240 -22.43 14.59 -7.13
N ILE A 241 -23.43 14.22 -6.34
CA ILE A 241 -24.21 15.18 -5.59
C ILE A 241 -23.72 15.15 -4.15
N VAL A 242 -23.28 16.30 -3.65
CA VAL A 242 -22.67 16.31 -2.33
C VAL A 242 -23.46 17.21 -1.38
N ILE A 243 -23.98 16.59 -0.33
CA ILE A 243 -24.64 17.32 0.73
C ILE A 243 -23.64 17.65 1.80
N ASN A 244 -23.68 18.89 2.30
CA ASN A 244 -22.67 19.41 3.21
C ASN A 244 -21.25 19.29 2.66
N PRO A 245 -21.02 19.77 1.43
CA PRO A 245 -19.65 19.64 0.93
C PRO A 245 -18.68 20.40 1.84
N PRO A 246 -17.44 19.91 1.97
CA PRO A 246 -16.39 20.60 2.72
C PRO A 246 -16.15 21.97 2.09
N TRP A 247 -15.60 22.90 2.88
CA TRP A 247 -15.45 24.30 2.50
C TRP A 247 -14.70 24.55 1.17
N LYS A 248 -13.67 23.75 0.92
CA LYS A 248 -12.85 23.93 -0.27
C LYS A 248 -13.34 23.20 -1.54
N LEU A 249 -14.33 22.32 -1.43
CA LEU A 249 -14.65 21.38 -2.52
C LEU A 249 -15.05 22.06 -3.82
N GLU A 250 -15.91 23.06 -3.75
CA GLU A 250 -16.34 23.80 -4.94
C GLU A 250 -15.15 24.38 -5.70
N GLN A 251 -14.25 25.03 -4.96
CA GLN A 251 -13.07 25.61 -5.57
C GLN A 251 -12.14 24.53 -6.13
N GLN A 252 -11.94 23.45 -5.38
CA GLN A 252 -11.08 22.35 -5.86
C GLN A 252 -11.58 21.80 -7.19
N MET A 253 -12.89 21.58 -7.26
CA MET A 253 -13.51 21.10 -8.49
C MET A 253 -13.38 22.12 -9.62
N ASN A 254 -13.58 23.39 -9.31
CA ASN A 254 -13.33 24.43 -10.33
C ASN A 254 -11.89 24.39 -10.81
N ASN A 255 -10.98 24.07 -9.91
CA ASN A 255 -9.56 23.95 -10.24
C ASN A 255 -9.25 22.77 -11.15
N VAL A 256 -9.92 21.64 -10.94
CA VAL A 256 -9.52 20.39 -11.57
C VAL A 256 -10.44 19.92 -12.73
N LEU A 257 -11.69 20.37 -12.77
CA LEU A 257 -12.59 19.88 -13.82
C LEU A 257 -12.18 20.18 -15.27
N PRO A 258 -11.72 21.41 -15.57
CA PRO A 258 -11.32 21.65 -16.96
C PRO A 258 -10.18 20.72 -17.41
N TRP A 259 -9.20 20.53 -16.54
CA TRP A 259 -8.10 19.62 -16.86
C TRP A 259 -8.60 18.18 -17.03
N LEU A 260 -9.41 17.71 -16.07
CA LEU A 260 -9.97 16.37 -16.10
C LEU A 260 -10.73 16.12 -17.39
N HIS A 261 -11.62 17.04 -17.71
CA HIS A 261 -12.44 16.88 -18.89
C HIS A 261 -11.56 16.88 -20.15
N SER A 262 -10.53 17.74 -20.18
CA SER A 262 -9.64 17.80 -21.35
CA SER A 262 -9.67 17.79 -21.37
C SER A 262 -8.92 16.47 -21.57
N LYS A 263 -8.53 15.83 -20.46
CA LYS A 263 -7.81 14.57 -20.56
C LYS A 263 -8.74 13.37 -20.85
N LEU A 264 -9.91 13.34 -20.22
CA LEU A 264 -10.85 12.25 -20.39
C LEU A 264 -11.56 12.30 -21.75
N VAL A 265 -11.78 13.52 -22.24
CA VAL A 265 -12.51 13.76 -23.48
C VAL A 265 -11.70 14.64 -24.44
N PRO A 266 -10.69 14.08 -25.10
CA PRO A 266 -9.78 14.85 -25.97
C PRO A 266 -10.51 15.57 -27.11
N ALA A 267 -11.61 15.01 -27.58
CA ALA A 267 -12.44 15.62 -28.63
C ALA A 267 -13.23 16.84 -28.15
N GLY A 268 -13.32 17.01 -26.84
CA GLY A 268 -13.97 18.18 -26.28
C GLY A 268 -15.48 18.12 -26.18
N THR A 269 -16.09 17.00 -26.54
CA THR A 269 -17.55 16.87 -26.51
C THR A 269 -18.12 16.85 -25.08
N GLY A 270 -19.42 17.10 -24.94
CA GLY A 270 -20.04 17.07 -23.62
C GLY A 270 -19.76 18.32 -22.80
N HIS A 271 -19.55 18.15 -21.51
CA HIS A 271 -19.36 19.28 -20.61
C HIS A 271 -18.83 18.84 -19.24
N ALA A 272 -18.60 19.82 -18.39
CA ALA A 272 -18.19 19.55 -17.02
C ALA A 272 -18.58 20.78 -16.22
N THR A 273 -19.40 20.60 -15.18
CA THR A 273 -19.91 21.72 -14.42
C THR A 273 -19.92 21.44 -12.93
N VAL A 274 -19.82 22.52 -12.16
CA VAL A 274 -20.06 22.47 -10.73
CA VAL A 274 -20.07 22.45 -10.73
C VAL A 274 -21.02 23.60 -10.39
N SER A 275 -22.10 23.27 -9.69
CA SER A 275 -23.11 24.25 -9.32
C SER A 275 -23.91 23.77 -8.11
N TRP A 276 -24.70 24.68 -7.53
CA TRP A 276 -25.51 24.36 -6.37
C TRP A 276 -26.93 23.99 -6.76
N ILE A 277 -27.39 22.83 -6.29
CA ILE A 277 -28.80 22.46 -6.42
C ILE A 277 -29.58 23.26 -5.39
N VAL A 278 -29.10 23.22 -4.15
CA VAL A 278 -29.69 24.04 -3.09
C VAL A 278 -28.58 24.75 -2.32
N PRO A 279 -28.60 26.10 -2.34
CA PRO A 279 -27.61 26.86 -1.59
C PRO A 279 -27.88 26.75 -0.09
N GLU A 280 -26.99 27.32 0.72
CA GLU A 280 -27.09 27.22 2.17
C GLU A 280 -28.41 27.74 2.75
N LEU B 2 -6.39 -16.03 2.68
CA LEU B 2 -4.97 -16.30 2.85
C LEU B 2 -4.57 -16.54 4.31
N SER B 3 -3.83 -17.62 4.54
CA SER B 3 -3.29 -17.90 5.87
C SER B 3 -1.80 -17.58 5.91
N TYR B 4 -1.48 -16.35 6.32
CA TYR B 4 -0.10 -15.88 6.39
C TYR B 4 0.72 -16.63 7.44
N ARG B 5 1.99 -16.86 7.12
CA ARG B 5 2.91 -17.56 8.02
C ARG B 5 3.15 -16.89 9.38
N HIS B 6 3.00 -17.41 10.59
CA HIS B 6 3.40 -16.93 11.89
C HIS B 6 4.91 -17.03 12.09
N SER B 7 5.43 -16.29 12.88
CA SER B 7 6.81 -16.32 13.35
C SER B 7 6.93 -15.71 14.75
N PHE B 8 7.68 -16.12 15.30
CA PHE B 8 7.93 -15.79 16.71
C PHE B 8 9.13 -14.88 16.85
N HIS B 9 9.99 -14.87 15.83
CA HIS B 9 11.19 -14.04 15.84
C HIS B 9 11.03 -12.83 14.92
N ALA B 10 10.12 -12.95 13.96
CA ALA B 10 9.87 -11.87 13.01
C ALA B 10 9.73 -10.52 13.73
N GLY B 11 10.44 -9.52 13.21
CA GLY B 11 10.40 -8.19 13.80
C GLY B 11 11.28 -7.98 15.02
N ASN B 12 12.12 -8.96 15.34
CA ASN B 12 13.05 -8.80 16.46
C ASN B 12 14.15 -7.76 16.18
N HIS B 13 15.06 -7.60 17.13
CA HIS B 13 16.08 -6.57 17.01
C HIS B 13 16.91 -6.80 15.75
N ALA B 14 17.08 -8.08 15.40
CA ALA B 14 17.86 -8.44 14.22
C ALA B 14 17.16 -8.05 12.91
N ASP B 15 15.86 -8.27 12.85
CA ASP B 15 15.09 -7.86 11.68
C ASP B 15 15.12 -6.35 11.54
N VAL B 16 15.03 -5.65 12.67
CA VAL B 16 15.08 -4.19 12.64
C VAL B 16 16.39 -3.68 12.01
N LEU B 17 17.52 -4.23 12.45
CA LEU B 17 18.81 -3.85 11.88
C LEU B 17 18.89 -4.23 10.40
N LYS B 18 18.51 -5.47 10.10
CA LYS B 18 18.59 -6.00 8.74
C LYS B 18 17.78 -5.13 7.77
N HIS B 19 16.53 -4.84 8.12
CA HIS B 19 15.67 -4.10 7.21
C HIS B 19 15.96 -2.61 7.19
N THR B 20 16.53 -2.10 8.28
CA THR B 20 17.03 -0.73 8.28
C THR B 20 18.12 -0.61 7.23
N VAL B 21 19.13 -1.46 7.32
CA VAL B 21 20.20 -1.43 6.33
C VAL B 21 19.72 -1.71 4.91
N GLN B 22 18.86 -2.71 4.74
CA GLN B 22 18.25 -2.97 3.44
C GLN B 22 17.59 -1.73 2.85
N SER B 23 16.74 -1.06 3.64
CA SER B 23 16.01 0.11 3.13
CA SER B 23 16.02 0.11 3.16
C SER B 23 16.94 1.25 2.75
N LEU B 24 17.97 1.50 3.56
CA LEU B 24 18.89 2.58 3.24
C LEU B 24 19.66 2.33 1.95
N ILE B 25 20.09 1.08 1.73
CA ILE B 25 20.79 0.74 0.49
C ILE B 25 19.89 0.97 -0.72
N ILE B 26 18.66 0.47 -0.63
CA ILE B 26 17.71 0.67 -1.71
C ILE B 26 17.50 2.14 -2.02
N GLU B 27 17.31 2.95 -0.97
CA GLU B 27 17.11 4.39 -1.15
C GLU B 27 18.31 5.04 -1.84
N SER B 28 19.53 4.60 -1.52
CA SER B 28 20.71 5.11 -2.23
C SER B 28 20.72 4.71 -3.70
N LEU B 29 20.38 3.45 -3.99
CA LEU B 29 20.36 2.97 -5.36
C LEU B 29 19.35 3.74 -6.20
N LYS B 30 18.27 4.18 -5.57
CA LYS B 30 17.24 4.92 -6.30
C LYS B 30 17.63 6.36 -6.64
N GLU B 31 18.81 6.80 -6.18
CA GLU B 31 19.28 8.17 -6.41
C GLU B 31 19.83 8.37 -7.82
N LYS B 32 20.07 7.27 -8.53
CA LYS B 32 20.44 7.33 -9.94
C LYS B 32 19.30 6.79 -10.81
N ASP B 33 18.92 7.56 -11.83
CA ASP B 33 17.81 7.19 -12.69
C ASP B 33 18.22 6.13 -13.71
N LYS B 34 18.71 5.00 -13.21
CA LYS B 34 18.98 3.82 -14.02
C LYS B 34 18.45 2.63 -13.23
N PRO B 35 17.89 1.64 -13.92
CA PRO B 35 17.27 0.51 -13.21
C PRO B 35 18.28 -0.34 -12.45
N PHE B 36 17.81 -0.99 -11.40
CA PHE B 36 18.65 -1.97 -10.67
C PHE B 36 17.84 -3.20 -10.30
N LEU B 37 18.56 -4.28 -10.01
CA LEU B 37 17.97 -5.53 -9.58
C LEU B 37 17.98 -5.64 -8.05
N TYR B 38 16.88 -6.14 -7.49
CA TYR B 38 16.90 -6.63 -6.12
C TYR B 38 16.87 -8.16 -6.10
N LEU B 39 17.95 -8.78 -5.64
CA LEU B 39 18.00 -10.23 -5.57
C LEU B 39 18.00 -10.71 -4.12
N ASP B 40 17.02 -11.53 -3.77
CA ASP B 40 16.82 -12.03 -2.41
C ASP B 40 17.02 -13.55 -2.47
N THR B 41 18.14 -14.06 -1.96
CA THR B 41 18.46 -15.48 -2.09
C THR B 41 17.58 -16.38 -1.21
N HIS B 42 17.28 -15.92 -0.01
CA HIS B 42 16.46 -16.69 0.91
C HIS B 42 15.29 -15.78 1.30
N ALA B 43 14.25 -15.74 0.46
CA ALA B 43 13.30 -14.63 0.49
C ALA B 43 12.24 -14.74 1.58
N GLY B 44 11.94 -15.96 1.99
CA GLY B 44 10.92 -16.17 3.03
C GLY B 44 9.51 -16.14 2.48
N ALA B 45 8.52 -16.07 3.38
CA ALA B 45 7.11 -16.10 2.99
C ALA B 45 6.61 -14.79 2.39
N GLY B 46 7.29 -13.69 2.71
CA GLY B 46 6.89 -12.38 2.22
C GLY B 46 6.49 -11.46 3.36
N ARG B 47 5.57 -11.94 4.21
CA ARG B 47 5.19 -11.24 5.43
C ARG B 47 4.95 -12.25 6.55
N TYR B 48 4.93 -11.76 7.79
CA TYR B 48 4.72 -12.65 8.92
C TYR B 48 3.64 -12.14 9.86
N GLN B 49 2.79 -13.06 10.27
CA GLN B 49 1.77 -12.78 11.27
C GLN B 49 2.44 -12.86 12.62
N LEU B 50 2.27 -11.80 13.42
CA LEU B 50 2.92 -11.64 14.71
C LEU B 50 1.98 -12.08 15.83
N GLY B 51 2.54 -12.27 17.05
CA GLY B 51 1.73 -12.39 18.24
C GLY B 51 1.31 -13.79 18.64
N SER B 52 1.63 -14.73 17.76
CA SER B 52 1.39 -16.17 17.91
C SER B 52 -0.05 -16.49 17.58
N GLU B 56 -2.81 -14.54 23.92
CA GLU B 56 -1.78 -13.63 24.34
C GLU B 56 -1.00 -13.06 23.14
N ARG B 57 -0.42 -11.89 23.26
CA ARG B 57 0.43 -11.29 22.22
C ARG B 57 1.88 -11.51 22.61
N THR B 58 2.48 -12.39 21.97
CA THR B 58 3.81 -12.85 22.38
CA THR B 58 3.81 -12.80 22.38
C THR B 58 4.72 -13.01 21.16
N GLY B 59 6.01 -12.84 21.37
CA GLY B 59 6.99 -12.97 20.29
C GLY B 59 8.08 -11.95 20.47
N GLU B 60 9.16 -12.10 19.72
CA GLU B 60 10.32 -11.23 19.86
C GLU B 60 10.08 -9.81 19.35
N TYR B 61 9.02 -9.63 18.57
CA TYR B 61 8.72 -8.31 18.01
C TYR B 61 8.50 -7.27 19.10
N LEU B 62 8.08 -7.74 20.28
CA LEU B 62 7.81 -6.86 21.41
C LEU B 62 9.05 -6.10 21.86
N GLU B 63 10.22 -6.71 21.70
CA GLU B 63 11.50 -6.08 22.02
C GLU B 63 12.23 -5.59 20.76
N GLY B 64 11.56 -5.64 19.62
CA GLY B 64 12.14 -5.15 18.37
C GLY B 64 11.38 -4.00 17.71
N ILE B 65 10.71 -4.29 16.59
CA ILE B 65 9.97 -3.29 15.86
C ILE B 65 8.99 -2.46 16.74
N ALA B 66 8.40 -3.09 17.73
CA ALA B 66 7.42 -2.42 18.61
C ALA B 66 7.99 -1.21 19.38
N ARG B 67 9.24 -1.32 19.79
CA ARG B 67 9.91 -0.27 20.53
C ARG B 67 10.32 0.93 19.67
N ILE B 68 10.21 0.78 18.35
CA ILE B 68 10.58 1.90 17.46
C ILE B 68 9.49 2.46 16.53
N TRP B 69 8.54 1.64 16.08
CA TRP B 69 7.66 2.06 14.95
C TRP B 69 6.73 3.25 15.23
N GLN B 70 6.48 3.57 16.49
CA GLN B 70 5.60 4.70 16.82
CA GLN B 70 5.61 4.69 16.84
C GLN B 70 6.30 5.78 17.66
N GLN B 71 7.63 5.78 17.64
CA GLN B 71 8.39 6.83 18.34
C GLN B 71 8.21 8.19 17.66
N ASP B 72 8.01 9.25 18.47
CA ASP B 72 7.79 10.58 17.94
C ASP B 72 9.06 11.21 17.38
N ASP B 73 10.20 10.75 17.87
CA ASP B 73 11.50 11.24 17.43
C ASP B 73 12.23 10.24 16.51
N LEU B 74 11.50 9.61 15.62
CA LEU B 74 12.10 8.68 14.66
C LEU B 74 13.14 9.37 13.79
N PRO B 75 14.38 8.85 13.79
CA PRO B 75 15.44 9.40 12.93
C PRO B 75 15.02 9.38 11.47
N ALA B 76 15.46 10.39 10.72
CA ALA B 76 15.11 10.47 9.31
C ALA B 76 15.55 9.22 8.55
N GLU B 77 16.65 8.59 8.96
CA GLU B 77 17.15 7.40 8.27
C GLU B 77 16.23 6.16 8.35
N LEU B 78 15.22 6.22 9.21
CA LEU B 78 14.33 5.08 9.43
C LEU B 78 12.94 5.26 8.81
N GLU B 79 12.64 6.45 8.29
CA GLU B 79 11.28 6.75 7.81
C GLU B 79 10.77 5.82 6.71
N ALA B 80 11.57 5.63 5.66
CA ALA B 80 11.19 4.73 4.56
C ALA B 80 10.84 3.33 5.06
N TYR B 81 11.72 2.78 5.90
CA TYR B 81 11.47 1.47 6.51
C TYR B 81 10.21 1.46 7.37
N ILE B 82 10.11 2.40 8.30
CA ILE B 82 8.96 2.42 9.22
C ILE B 82 7.64 2.64 8.45
N ASN B 83 7.67 3.47 7.43
CA ASN B 83 6.47 3.67 6.60
C ASN B 83 6.00 2.42 5.84
N VAL B 84 6.92 1.52 5.50
CA VAL B 84 6.50 0.21 4.99
C VAL B 84 5.80 -0.63 6.08
N VAL B 85 6.35 -0.65 7.28
CA VAL B 85 5.73 -1.35 8.40
C VAL B 85 4.32 -0.82 8.68
N LYS B 86 4.17 0.50 8.67
CA LYS B 86 2.87 1.10 8.92
C LYS B 86 1.85 0.71 7.83
N HIS B 87 2.28 0.66 6.57
CA HIS B 87 1.38 0.26 5.50
C HIS B 87 0.68 -1.08 5.75
N PHE B 88 1.40 -2.02 6.38
CA PHE B 88 0.86 -3.35 6.67
C PHE B 88 0.15 -3.42 8.03
N ASN B 89 0.08 -2.29 8.73
CA ASN B 89 -0.60 -2.23 10.03
C ASN B 89 -1.39 -0.94 10.19
N ARG B 90 -2.30 -0.66 9.27
CA ARG B 90 -2.98 0.62 9.21
C ARG B 90 -3.95 0.88 10.38
N SER B 91 -4.33 -0.18 11.08
CA SER B 91 -5.15 -0.05 12.28
CA SER B 91 -5.17 -0.04 12.26
C SER B 91 -4.39 0.56 13.45
N GLY B 92 -3.06 0.63 13.32
CA GLY B 92 -2.24 1.09 14.43
C GLY B 92 -1.91 0.00 15.44
N GLN B 93 -2.42 -1.20 15.22
CA GLN B 93 -2.05 -2.36 16.03
C GLN B 93 -1.01 -3.16 15.26
N LEU B 94 -0.01 -3.67 15.96
CA LEU B 94 1.08 -4.41 15.32
C LEU B 94 0.67 -5.87 15.10
N ARG B 95 0.30 -6.23 13.89
CA ARG B 95 -0.24 -7.56 13.62
C ARG B 95 0.55 -8.32 12.55
N TYR B 96 1.17 -7.56 11.65
CA TYR B 96 1.95 -8.12 10.52
C TYR B 96 3.35 -7.51 10.47
N TYR B 97 4.35 -8.29 10.06
CA TYR B 97 5.67 -7.76 9.85
C TYR B 97 6.11 -8.07 8.42
N PRO B 98 6.54 -7.05 7.66
CA PRO B 98 6.93 -7.31 6.27
C PRO B 98 8.34 -7.87 6.20
N GLY B 99 8.52 -8.97 5.48
CA GLY B 99 9.83 -9.52 5.26
C GLY B 99 10.58 -8.74 4.19
N SER B 100 11.84 -9.09 3.95
CA SER B 100 12.66 -8.39 2.97
C SER B 100 12.06 -8.25 1.54
N PRO B 101 11.28 -9.24 1.05
CA PRO B 101 10.71 -9.00 -0.30
C PRO B 101 9.69 -7.88 -0.34
N LEU B 102 8.97 -7.66 0.76
CA LEU B 102 7.93 -6.63 0.80
C LEU B 102 8.50 -5.23 1.06
N ILE B 103 9.59 -5.16 1.80
CA ILE B 103 10.35 -3.92 1.93
C ILE B 103 10.79 -3.50 0.53
N ALA B 104 11.36 -4.45 -0.21
CA ALA B 104 11.75 -4.20 -1.59
C ALA B 104 10.58 -3.82 -2.50
N ARG B 105 9.47 -4.53 -2.38
CA ARG B 105 8.32 -4.30 -3.27
C ARG B 105 7.80 -2.86 -3.16
N LEU B 106 7.76 -2.35 -1.93
CA LEU B 106 7.21 -1.04 -1.68
C LEU B 106 8.24 0.07 -1.89
N LEU B 107 9.52 -0.27 -1.89
CA LEU B 107 10.55 0.77 -2.05
C LEU B 107 11.10 0.90 -3.48
N LEU B 108 11.12 -0.19 -4.24
CA LEU B 108 11.65 -0.13 -5.61
C LEU B 108 10.76 0.71 -6.51
N ARG B 109 11.31 1.14 -7.63
CA ARG B 109 10.60 2.02 -8.56
C ARG B 109 10.02 1.16 -9.65
N GLU B 110 9.24 1.76 -10.54
CA GLU B 110 8.66 1.04 -11.66
C GLU B 110 9.72 0.35 -12.53
N GLN B 111 10.86 1.01 -12.70
CA GLN B 111 11.91 0.53 -13.62
CA GLN B 111 11.92 0.54 -13.61
C GLN B 111 12.78 -0.58 -13.04
N ASP B 112 12.61 -0.90 -11.76
CA ASP B 112 13.47 -1.87 -11.09
C ASP B 112 12.92 -3.31 -11.13
N SER B 113 13.76 -4.28 -10.81
CA SER B 113 13.42 -5.69 -10.91
C SER B 113 13.66 -6.42 -9.59
N LEU B 114 12.90 -7.47 -9.36
CA LEU B 114 13.10 -8.33 -8.21
C LEU B 114 13.26 -9.78 -8.65
N GLN B 115 14.27 -10.43 -8.08
CA GLN B 115 14.43 -11.86 -8.25
CA GLN B 115 14.49 -11.85 -8.25
C GLN B 115 14.49 -12.49 -6.87
N LEU B 116 13.45 -13.25 -6.55
CA LEU B 116 13.27 -13.79 -5.22
C LEU B 116 13.23 -15.31 -5.26
N THR B 117 13.92 -15.93 -4.30
CA THR B 117 13.84 -17.38 -4.17
C THR B 117 13.48 -17.80 -2.77
N GLU B 118 12.70 -18.87 -2.70
CA GLU B 118 12.28 -19.47 -1.45
C GLU B 118 12.06 -20.95 -1.70
N LEU B 119 12.84 -21.77 -0.98
CA LEU B 119 12.88 -23.20 -1.23
C LEU B 119 11.87 -24.01 -0.42
N HIS B 120 11.26 -23.41 0.59
CA HIS B 120 10.33 -24.17 1.41
C HIS B 120 8.98 -24.24 0.72
N PRO B 121 8.45 -25.46 0.55
CA PRO B 121 7.22 -25.71 -0.21
C PRO B 121 5.95 -25.09 0.38
N SER B 122 5.96 -24.72 1.66
CA SER B 122 4.82 -24.06 2.29
CA SER B 122 4.80 -24.06 2.24
C SER B 122 4.96 -22.54 2.24
N ASP B 123 6.20 -22.06 2.23
CA ASP B 123 6.46 -20.61 2.16
C ASP B 123 6.49 -20.07 0.73
N TYR B 124 6.92 -20.90 -0.22
CA TYR B 124 6.97 -20.50 -1.63
C TYR B 124 5.61 -20.00 -2.19
N PRO B 125 4.52 -20.79 -2.02
CA PRO B 125 3.22 -20.31 -2.52
C PRO B 125 2.77 -19.02 -1.86
N LEU B 126 3.07 -18.82 -0.57
CA LEU B 126 2.75 -17.55 0.09
C LEU B 126 3.53 -16.43 -0.57
N LEU B 127 4.82 -16.68 -0.83
CA LEU B 127 5.65 -15.65 -1.45
C LEU B 127 5.13 -15.31 -2.86
N ARG B 128 4.77 -16.33 -3.63
CA ARG B 128 4.22 -16.14 -4.98
C ARG B 128 2.98 -15.24 -5.00
N SER B 129 2.06 -15.49 -4.08
CA SER B 129 0.82 -14.74 -4.07
C SER B 129 1.03 -13.28 -3.70
N GLU B 130 2.13 -12.98 -3.01
CA GLU B 130 2.44 -11.58 -2.69
C GLU B 130 2.82 -10.79 -3.96
N PHE B 131 3.27 -11.50 -4.99
CA PHE B 131 3.82 -10.88 -6.19
C PHE B 131 3.06 -11.21 -7.47
N GLN B 132 1.92 -11.88 -7.31
CA GLN B 132 1.02 -12.19 -8.42
C GLN B 132 0.69 -10.97 -9.27
N LYS B 133 0.46 -9.85 -8.61
CA LYS B 133 0.05 -8.62 -9.28
C LYS B 133 1.22 -7.70 -9.60
N ASP B 134 2.45 -8.22 -9.55
CA ASP B 134 3.65 -7.42 -9.85
C ASP B 134 4.64 -7.99 -10.91
N SER B 135 4.60 -7.48 -12.13
CA SER B 135 5.43 -8.05 -13.20
C SER B 135 6.92 -7.68 -13.11
N ARG B 136 7.28 -6.85 -12.14
CA ARG B 136 8.69 -6.52 -11.89
C ARG B 136 9.41 -7.71 -11.25
N ALA B 137 8.65 -8.59 -10.63
CA ALA B 137 9.23 -9.62 -9.81
C ALA B 137 9.17 -11.00 -10.46
N ARG B 138 10.25 -11.75 -10.25
CA ARG B 138 10.32 -13.15 -10.60
C ARG B 138 10.51 -13.95 -9.30
N VAL B 139 9.61 -14.88 -9.02
CA VAL B 139 9.66 -15.68 -7.81
C VAL B 139 9.82 -17.14 -8.16
N GLU B 140 10.87 -17.75 -7.63
CA GLU B 140 11.21 -19.14 -7.96
C GLU B 140 11.44 -19.98 -6.73
N LYS B 141 11.07 -21.23 -6.85
CA LYS B 141 11.30 -22.20 -5.81
C LYS B 141 12.61 -22.89 -6.15
N ALA B 142 13.71 -22.32 -5.66
CA ALA B 142 15.03 -22.83 -5.99
C ALA B 142 16.02 -22.53 -4.88
N ASP B 143 17.19 -23.15 -4.94
CA ASP B 143 18.23 -22.94 -3.96
C ASP B 143 18.77 -21.51 -4.07
N GLY B 144 18.89 -20.83 -2.94
CA GLY B 144 19.28 -19.42 -2.96
C GLY B 144 20.70 -19.14 -3.42
N PHE B 145 21.66 -19.93 -2.93
CA PHE B 145 23.06 -19.70 -3.30
C PHE B 145 23.30 -19.99 -4.78
N GLN B 146 22.52 -20.91 -5.32
CA GLN B 146 22.61 -21.24 -6.74
C GLN B 146 22.25 -20.04 -7.64
N GLN B 147 21.38 -19.16 -7.12
CA GLN B 147 20.97 -17.96 -7.85
C GLN B 147 22.11 -16.98 -8.08
N LEU B 148 23.10 -17.01 -7.20
CA LEU B 148 24.26 -16.14 -7.31
C LEU B 148 25.09 -16.54 -8.52
N LYS B 149 24.89 -17.77 -8.99
CA LYS B 149 25.50 -18.23 -10.24
C LYS B 149 24.57 -17.93 -11.43
N ALA B 150 23.29 -18.24 -11.30
CA ALA B 150 22.35 -18.18 -12.43
C ALA B 150 21.88 -16.78 -12.84
N LYS B 151 21.75 -15.88 -11.87
CA LYS B 151 21.11 -14.59 -12.14
C LYS B 151 22.06 -13.40 -12.16
N LEU B 152 23.34 -13.65 -11.94
CA LEU B 152 24.34 -12.59 -11.95
C LEU B 152 25.24 -12.66 -13.19
N PRO B 153 25.66 -11.54 -13.81
CA PRO B 153 25.21 -10.24 -13.41
C PRO B 153 23.88 -9.90 -14.03
N PRO B 154 23.13 -8.91 -13.36
CA PRO B 154 21.91 -8.52 -14.07
C PRO B 154 22.30 -7.73 -15.30
N VAL B 155 21.47 -7.75 -16.28
CA VAL B 155 21.75 -6.97 -17.46
C VAL B 155 21.72 -5.45 -17.16
N SER B 156 21.02 -5.03 -16.13
CA SER B 156 21.01 -3.63 -15.71
C SER B 156 22.39 -3.21 -15.20
N ARG B 157 23.17 -4.17 -14.76
CA ARG B 157 24.49 -3.94 -14.16
C ARG B 157 24.45 -3.13 -12.86
N ARG B 158 23.30 -3.13 -12.20
CA ARG B 158 23.20 -2.48 -10.89
C ARG B 158 22.37 -3.41 -10.00
N GLY B 159 22.64 -3.41 -8.69
CA GLY B 159 21.80 -4.19 -7.82
C GLY B 159 22.25 -4.38 -6.39
N LEU B 160 21.27 -4.78 -5.59
CA LEU B 160 21.45 -5.20 -4.22
C LEU B 160 21.14 -6.69 -4.14
N ILE B 161 22.09 -7.45 -3.60
CA ILE B 161 21.88 -8.84 -3.32
C ILE B 161 21.79 -8.99 -1.80
N LEU B 162 20.61 -9.37 -1.32
CA LEU B 162 20.42 -9.63 0.11
C LEU B 162 20.51 -11.14 0.39
N ILE B 163 21.46 -11.49 1.23
CA ILE B 163 21.70 -12.87 1.60
C ILE B 163 21.36 -13.06 3.08
N ASP B 164 20.33 -13.86 3.35
CA ASP B 164 19.77 -14.01 4.70
C ASP B 164 19.52 -15.49 4.98
N PRO B 165 20.52 -16.29 5.25
CA PRO B 165 20.67 -17.76 5.25
C PRO B 165 20.51 -18.44 6.61
N PRO B 166 20.54 -19.73 6.56
CA PRO B 166 20.49 -20.41 7.85
C PRO B 166 21.88 -20.49 8.46
N TYR B 167 21.95 -20.52 9.78
CA TYR B 167 23.23 -20.64 10.48
C TYR B 167 23.17 -21.72 11.56
N GLU B 168 22.55 -22.84 11.25
CA GLU B 168 22.40 -23.92 12.24
C GLU B 168 23.62 -24.78 12.47
N MET B 169 24.27 -25.16 11.38
CA MET B 169 25.48 -25.99 11.39
C MET B 169 26.73 -25.27 10.92
N LYS B 170 27.90 -25.79 11.29
CA LYS B 170 29.16 -25.16 10.90
C LYS B 170 29.36 -24.99 9.38
N THR B 171 28.87 -25.94 8.59
CA THR B 171 28.99 -25.83 7.14
C THR B 171 28.19 -24.65 6.56
N ASP B 172 27.19 -24.19 7.31
CA ASP B 172 26.36 -23.05 6.90
C ASP B 172 27.20 -21.78 6.78
N TYR B 173 28.10 -21.60 7.74
CA TYR B 173 29.00 -20.46 7.78
C TYR B 173 29.98 -20.45 6.58
N GLN B 174 30.29 -21.62 6.04
CA GLN B 174 31.18 -21.72 4.89
C GLN B 174 30.43 -21.49 3.57
N ALA B 175 29.22 -22.01 3.46
CA ALA B 175 28.41 -21.82 2.26
C ALA B 175 28.22 -20.34 1.95
N VAL B 176 28.10 -19.53 3.00
CA VAL B 176 27.92 -18.11 2.82
C VAL B 176 29.09 -17.45 2.08
N VAL B 177 30.30 -17.76 2.51
CA VAL B 177 31.49 -17.15 1.91
C VAL B 177 31.67 -17.64 0.48
N SER B 178 31.46 -18.94 0.30
CA SER B 178 31.62 -19.53 -1.03
C SER B 178 30.58 -18.96 -1.98
N GLY B 179 29.38 -18.72 -1.47
CA GLY B 179 28.31 -18.13 -2.26
C GLY B 179 28.60 -16.71 -2.71
N ILE B 180 29.04 -15.88 -1.76
CA ILE B 180 29.38 -14.50 -2.02
C ILE B 180 30.48 -14.43 -3.06
N ALA B 181 31.45 -15.32 -2.92
CA ALA B 181 32.59 -15.38 -3.83
C ALA B 181 32.14 -15.72 -5.25
N GLU B 182 31.20 -16.65 -5.38
CA GLU B 182 30.67 -16.98 -6.71
C GLU B 182 29.94 -15.79 -7.29
N GLY B 183 29.14 -15.12 -6.46
CA GLY B 183 28.41 -13.95 -6.90
C GLY B 183 29.36 -12.85 -7.36
N TYR B 184 30.31 -12.51 -6.49
CA TYR B 184 31.27 -11.44 -6.75
C TYR B 184 32.07 -11.65 -8.03
N LYS B 185 32.48 -12.89 -8.26
CA LYS B 185 33.19 -13.23 -9.49
C LYS B 185 32.38 -12.82 -10.70
N ARG B 186 31.06 -12.97 -10.63
CA ARG B 186 30.19 -12.69 -11.77
C ARG B 186 29.73 -11.25 -11.85
N PHE B 187 29.73 -10.56 -10.72
CA PHE B 187 29.16 -9.21 -10.62
C PHE B 187 29.91 -8.47 -9.51
N ALA B 188 31.10 -7.97 -9.84
CA ALA B 188 31.99 -7.44 -8.83
C ALA B 188 31.58 -6.07 -8.30
N THR B 189 30.68 -5.39 -8.99
CA THR B 189 30.21 -4.07 -8.56
C THR B 189 28.87 -4.16 -7.86
N GLY B 190 28.38 -5.37 -7.67
CA GLY B 190 27.14 -5.55 -6.94
C GLY B 190 27.27 -5.12 -5.50
N ILE B 191 26.15 -4.76 -4.91
CA ILE B 191 26.12 -4.51 -3.48
C ILE B 191 25.59 -5.77 -2.80
N TYR B 192 26.41 -6.36 -1.95
CA TYR B 192 26.03 -7.59 -1.27
C TYR B 192 25.77 -7.26 0.20
N ALA B 193 24.58 -7.58 0.68
CA ALA B 193 24.23 -7.39 2.08
C ALA B 193 23.98 -8.74 2.75
N LEU B 194 24.90 -9.15 3.62
CA LEU B 194 24.79 -10.44 4.30
C LEU B 194 24.39 -10.22 5.76
N TRP B 195 23.26 -10.80 6.16
CA TRP B 195 22.88 -10.78 7.58
C TRP B 195 23.54 -11.96 8.28
N TYR B 196 23.99 -11.74 9.52
CA TYR B 196 24.57 -12.83 10.32
C TYR B 196 24.15 -12.66 11.79
N PRO B 197 23.97 -13.78 12.51
CA PRO B 197 23.74 -13.78 13.95
C PRO B 197 25.05 -13.95 14.73
N VAL B 198 25.10 -13.41 15.94
CA VAL B 198 26.20 -13.71 16.85
C VAL B 198 25.69 -14.62 17.95
N VAL B 199 25.96 -15.92 17.83
CA VAL B 199 25.69 -16.85 18.90
C VAL B 199 27.02 -17.17 19.58
N LEU B 200 27.96 -17.70 18.78
CA LEU B 200 29.32 -17.90 19.23
C LEU B 200 30.24 -17.04 18.41
N ARG B 201 30.89 -16.08 19.07
CA ARG B 201 31.73 -15.10 18.38
C ARG B 201 32.80 -15.76 17.51
N GLN B 202 33.31 -16.90 17.95
CA GLN B 202 34.37 -17.59 17.19
C GLN B 202 33.95 -17.99 15.79
N GLN B 203 32.72 -18.46 15.64
CA GLN B 203 32.19 -18.81 14.32
C GLN B 203 32.16 -17.61 13.38
N ILE B 204 31.85 -16.45 13.92
CA ILE B 204 31.82 -15.21 13.15
C ILE B 204 33.24 -14.72 12.83
N LYS B 205 34.15 -14.81 13.80
CA LYS B 205 35.54 -14.44 13.56
C LYS B 205 36.15 -15.29 12.44
N ARG B 206 35.87 -16.59 12.48
CA ARG B 206 36.33 -17.48 11.42
C ARG B 206 35.70 -17.12 10.05
N MET B 207 34.39 -16.89 10.03
CA MET B 207 33.69 -16.55 8.79
C MET B 207 34.28 -15.30 8.15
N ILE B 208 34.53 -14.30 8.98
CA ILE B 208 35.06 -13.03 8.51
C ILE B 208 36.49 -13.21 8.00
N HIS B 209 37.25 -14.05 8.70
CA HIS B 209 38.60 -14.40 8.25
C HIS B 209 38.54 -14.94 6.83
N ASP B 210 37.67 -15.93 6.61
CA ASP B 210 37.50 -16.55 5.30
C ASP B 210 37.06 -15.52 4.26
N LEU B 211 36.22 -14.59 4.70
CA LEU B 211 35.74 -13.56 3.80
C LEU B 211 36.91 -12.66 3.36
N GLU B 212 37.79 -12.33 4.31
CA GLU B 212 38.96 -11.49 4.02
C GLU B 212 39.93 -12.19 3.08
N ALA B 213 39.97 -13.52 3.17
CA ALA B 213 40.87 -14.30 2.33
C ALA B 213 40.37 -14.35 0.88
N THR B 214 39.13 -14.05 0.61
CA THR B 214 38.70 -14.01 -0.78
C THR B 214 39.44 -12.93 -1.56
N GLY B 215 39.69 -12.03 -0.93
CA GLY B 215 40.34 -10.99 -1.69
C GLY B 215 39.44 -9.78 -1.90
N ILE B 216 38.29 -9.83 -1.81
CA ILE B 216 37.24 -8.83 -1.93
C ILE B 216 37.50 -7.64 -1.01
N ARG B 217 37.34 -6.52 -1.78
CA ARG B 217 37.66 -5.26 -1.12
C ARG B 217 36.41 -4.43 -0.87
N LYS B 218 36.52 -3.48 0.06
CA LYS B 218 35.39 -2.60 0.40
C LYS B 218 34.27 -3.36 1.15
N ILE B 219 34.59 -3.89 2.33
CA ILE B 219 33.65 -4.70 3.08
C ILE B 219 33.38 -4.01 4.42
N LEU B 220 32.13 -3.60 4.60
CA LEU B 220 31.72 -2.87 5.79
C LEU B 220 31.01 -3.79 6.76
N GLN B 221 31.24 -3.58 8.06
CA GLN B 221 30.55 -4.37 9.07
C GLN B 221 29.74 -3.47 10.02
N ILE B 222 28.44 -3.75 10.11
CA ILE B 222 27.52 -3.02 10.98
C ILE B 222 26.93 -4.01 11.99
N GLU B 223 27.11 -3.76 13.28
CA GLU B 223 26.65 -4.74 14.27
C GLU B 223 25.93 -4.10 15.43
N LEU B 224 24.82 -4.71 15.85
CA LEU B 224 24.07 -4.29 17.02
C LEU B 224 23.93 -5.48 17.98
N ALA B 225 24.48 -5.30 19.18
CA ALA B 225 24.45 -6.30 20.24
C ALA B 225 23.52 -5.85 21.35
N VAL B 226 22.63 -6.73 21.78
CA VAL B 226 21.74 -6.42 22.90
C VAL B 226 22.35 -6.94 24.19
N LEU B 227 23.37 -7.79 24.06
CA LEU B 227 24.10 -8.28 25.22
C LEU B 227 25.56 -8.45 24.88
N PRO B 228 26.42 -8.49 25.90
CA PRO B 228 27.80 -8.85 25.58
C PRO B 228 27.94 -10.26 25.05
N ASP B 229 28.98 -10.50 24.24
CA ASP B 229 29.25 -11.85 23.71
C ASP B 229 29.22 -12.87 24.84
N SER B 230 28.64 -14.05 24.57
CA SER B 230 28.55 -15.11 25.57
C SER B 230 28.54 -16.49 24.93
N ASP B 231 28.84 -17.50 25.73
CA ASP B 231 28.79 -18.87 25.25
C ASP B 231 27.50 -19.55 25.72
N ARG B 232 26.63 -18.78 26.35
CA ARG B 232 25.43 -19.34 26.99
C ARG B 232 24.18 -18.44 26.98
N ARG B 233 24.06 -17.51 26.04
CA ARG B 233 22.92 -16.58 26.02
C ARG B 233 22.18 -16.55 24.68
N GLY B 234 22.26 -17.63 23.89
CA GLY B 234 21.62 -17.65 22.59
C GLY B 234 22.21 -16.57 21.68
N MET B 235 21.35 -15.91 20.91
CA MET B 235 21.82 -14.85 20.01
C MET B 235 21.93 -13.51 20.74
N THR B 236 23.15 -13.02 20.90
CA THR B 236 23.40 -11.82 21.69
C THR B 236 23.50 -10.58 20.83
N ALA B 237 23.62 -10.80 19.53
CA ALA B 237 23.84 -9.76 18.55
C ALA B 237 23.56 -10.27 17.14
N SER B 238 23.40 -9.33 16.22
CA SER B 238 23.40 -9.66 14.80
C SER B 238 24.03 -8.49 14.03
N GLY B 239 24.42 -8.73 12.80
CA GLY B 239 25.06 -7.69 12.03
C GLY B 239 24.75 -7.80 10.56
N MET B 240 25.21 -6.81 9.81
CA MET B 240 25.12 -6.81 8.37
C MET B 240 26.53 -6.57 7.83
N ILE B 241 26.98 -7.46 6.96
CA ILE B 241 28.23 -7.27 6.23
C ILE B 241 27.89 -6.81 4.82
N VAL B 242 28.36 -5.63 4.46
CA VAL B 242 28.00 -5.06 3.17
C VAL B 242 29.25 -4.83 2.34
N ILE B 243 29.27 -5.50 1.19
CA ILE B 243 30.31 -5.32 0.18
C ILE B 243 29.86 -4.29 -0.85
N ASN B 244 30.75 -3.36 -1.21
CA ASN B 244 30.39 -2.21 -2.04
C ASN B 244 29.22 -1.37 -1.46
N PRO B 245 29.29 -0.98 -0.18
CA PRO B 245 28.16 -0.21 0.35
C PRO B 245 28.04 1.13 -0.36
N PRO B 246 26.83 1.67 -0.50
CA PRO B 246 26.76 3.02 -1.05
C PRO B 246 27.53 4.00 -0.16
N TRP B 247 28.06 5.05 -0.77
CA TRP B 247 28.94 5.97 -0.06
C TRP B 247 28.28 6.60 1.19
N LYS B 248 26.95 6.74 1.16
CA LYS B 248 26.27 7.37 2.31
C LYS B 248 26.06 6.45 3.51
N LEU B 249 26.19 5.13 3.31
CA LEU B 249 25.73 4.17 4.32
C LEU B 249 26.49 4.24 5.64
N GLU B 250 27.81 4.52 5.49
CA GLU B 250 28.57 4.51 6.74
C GLU B 250 28.11 5.55 7.76
N GLN B 251 28.13 6.72 7.21
CA GLN B 251 27.58 7.88 8.10
CA GLN B 251 27.58 7.81 7.98
C GLN B 251 26.08 7.73 8.65
N GLN B 252 25.27 7.25 7.67
CA GLN B 252 23.87 7.02 8.03
C GLN B 252 23.76 6.09 9.25
N MET B 253 24.50 4.97 9.25
CA MET B 253 24.52 4.04 10.38
C MET B 253 25.14 4.64 11.64
N ASN B 254 26.23 5.38 11.51
CA ASN B 254 26.76 6.09 12.67
C ASN B 254 25.72 7.06 13.24
N ASN B 255 24.90 7.65 12.37
CA ASN B 255 23.84 8.56 12.79
C ASN B 255 22.72 7.88 13.57
N VAL B 256 22.32 6.69 13.13
CA VAL B 256 21.13 6.06 13.72
CA VAL B 256 21.13 6.06 13.67
C VAL B 256 21.39 4.97 14.73
N LEU B 257 22.60 4.43 14.73
CA LEU B 257 22.89 3.34 15.66
C LEU B 257 22.72 3.69 17.15
N PRO B 258 23.22 4.87 17.60
CA PRO B 258 23.01 5.16 19.03
C PRO B 258 21.54 5.22 19.42
N TRP B 259 20.71 5.91 18.62
CA TRP B 259 19.28 6.00 18.88
C TRP B 259 18.59 4.63 18.84
N LEU B 260 18.85 3.87 17.79
CA LEU B 260 18.29 2.52 17.65
C LEU B 260 18.63 1.65 18.84
N HIS B 261 19.91 1.63 19.20
CA HIS B 261 20.34 0.81 20.30
C HIS B 261 19.68 1.27 21.61
N SER B 262 19.53 2.58 21.75
CA SER B 262 18.90 3.14 22.94
C SER B 262 17.48 2.64 23.06
N LYS B 263 16.75 2.59 21.94
CA LYS B 263 15.35 2.16 21.96
C LYS B 263 15.21 0.65 22.06
N LEU B 264 16.08 -0.07 21.36
CA LEU B 264 16.01 -1.52 21.37
C LEU B 264 16.54 -2.09 22.70
N VAL B 265 17.55 -1.44 23.27
CA VAL B 265 18.18 -1.95 24.48
C VAL B 265 18.19 -0.88 25.60
N PRO B 266 17.06 -0.73 26.29
CA PRO B 266 16.89 0.29 27.33
C PRO B 266 17.93 0.15 28.47
N ALA B 267 18.35 -1.07 28.75
CA ALA B 267 19.34 -1.31 29.79
C ALA B 267 20.76 -0.89 29.40
N GLY B 268 20.99 -0.69 28.11
CA GLY B 268 22.28 -0.20 27.65
C GLY B 268 23.37 -1.23 27.44
N THR B 269 23.03 -2.50 27.68
CA THR B 269 23.97 -3.59 27.51
C THR B 269 24.30 -3.79 26.03
N GLY B 270 25.40 -4.48 25.75
CA GLY B 270 25.82 -4.77 24.39
C GLY B 270 26.49 -3.58 23.72
N HIS B 271 26.26 -3.41 22.43
CA HIS B 271 26.92 -2.33 21.67
C HIS B 271 26.28 -2.10 20.31
N ALA B 272 26.81 -1.11 19.59
CA ALA B 272 26.36 -0.84 18.23
C ALA B 272 27.50 -0.15 17.50
N THR B 273 28.01 -0.81 16.46
CA THR B 273 29.22 -0.34 15.80
C THR B 273 29.18 -0.45 14.27
N VAL B 274 29.92 0.43 13.60
CA VAL B 274 30.13 0.38 12.16
C VAL B 274 31.62 0.45 11.96
N SER B 275 32.19 -0.48 11.19
CA SER B 275 33.60 -0.41 10.90
C SER B 275 33.88 -1.18 9.62
N TRP B 276 35.07 -1.00 9.09
CA TRP B 276 35.49 -1.66 7.87
C TRP B 276 36.27 -2.94 8.15
N ILE B 277 35.83 -4.02 7.52
CA ILE B 277 36.59 -5.26 7.56
C ILE B 277 37.75 -5.13 6.58
N VAL B 278 37.44 -4.69 5.37
CA VAL B 278 38.44 -4.37 4.36
C VAL B 278 38.12 -3.01 3.72
N PRO B 279 39.01 -2.02 3.90
CA PRO B 279 38.82 -0.69 3.28
C PRO B 279 39.04 -0.74 1.78
N GLU B 280 38.76 0.38 1.08
CA GLU B 280 38.87 0.42 -0.38
C GLU B 280 40.24 0.03 -0.92
#